data_1ZHN
#
_entry.id   1ZHN
#
_cell.length_a   41.798
_cell.length_b   106.909
_cell.length_c   110.060
_cell.angle_alpha   90.00
_cell.angle_beta   90.00
_cell.angle_gamma   90.00
#
_symmetry.space_group_name_H-M   'P 21 21 21'
#
loop_
_entity.id
_entity.type
_entity.pdbx_description
1 polymer 'CD1d1 antigen'
2 polymer beta-2-microglobulin
3 branched alpha-L-fucopyranose-(1-6)-2-acetamido-2-deoxy-beta-D-glucopyranose
4 branched alpha-D-mannopyranose-(1-3)-[alpha-D-mannopyranose-(1-6)]alpha-D-mannopyranose-(1-4)-2-acetamido-2-deoxy-beta-D-glucopyranose-(1-4)-[alpha-L-fucopyranose-(1-6)]2-acetamido-2-deoxy-beta-D-glucopyranose
5 non-polymer 2-acetamido-2-deoxy-beta-D-glucopyranose
6 non-polymer '7-[(DODECANOYLOXY)METHYL]-4-HYDROXY-N,N,N-TRIMETHYL-9-OXO-3,5,8-TRIOXA-4-PHOSPHADOTRIACONTAN-1-AMINIUM 4-OXIDE'
7 non-polymer GLYCEROL
8 water water
#
loop_
_entity_poly.entity_id
_entity_poly.type
_entity_poly.pdbx_seq_one_letter_code
_entity_poly.pdbx_strand_id
1 'polypeptide(L)'
;NYTFRCLQMSSFANRSWSRTDSVVWLGDLQTHRWSNDSATISFTKPWSQGKLSNQQWEKLQHMFQVYRVSFTRDIQELVK
MMSPKEDYPIEIQLSAGCEMYPGNASESFLHVAFQGKYVVRFWGTSWQTVPGAPSWLDLPIKVLNADQGTSATVQMLLND
TCPLFVRGLLEAGKSDLEKQEKPVAWLSSVPSSAHGHRQLVCHVSGFYPKPVWVMWMRGDQEQQGTHRGDFLPNADETWY
LQATLDVEAGEEAGLACRVKHSSLGGQDIILYW
;
A
2 'polypeptide(L)'
;IQKTPQIQVYSRHPPENGKPNILNCYVTQFHPPHIEIQMLKNGKKIPKVEMSDMSFSKDWSFYILAHTEFTPTETDTYAC
RVKHDSMAEPKTVYWDRDM
;
B
#
loop_
_chem_comp.id
_chem_comp.type
_chem_comp.name
_chem_comp.formula
FUC L-saccharide, alpha linking alpha-L-fucopyranose 'C6 H12 O5'
GOL non-polymer GLYCEROL 'C3 H8 O3'
MAN D-saccharide, alpha linking alpha-D-mannopyranose 'C6 H12 O6'
NAG D-saccharide, beta linking 2-acetamido-2-deoxy-beta-D-glucopyranose 'C8 H15 N O6'
PC6 non-polymer '7-[(DODECANOYLOXY)METHYL]-4-HYDROXY-N,N,N-TRIMETHYL-9-OXO-3,5,8-TRIOXA-4-PHOSPHADOTRIACONTAN-1-AMINIUM 4-OXIDE' 'C45 H90 N O8 P'
#
# COMPACT_ATOMS: atom_id res chain seq x y z
N ASN A 1 -0.02 -0.11 19.30
CA ASN A 1 1.26 -0.16 18.53
C ASN A 1 1.09 0.57 17.20
N TYR A 2 2.20 1.11 16.68
CA TYR A 2 2.15 1.86 15.43
C TYR A 2 3.46 1.76 14.69
N THR A 3 3.39 1.36 13.44
CA THR A 3 4.57 1.30 12.59
C THR A 3 4.64 2.54 11.71
N PHE A 4 5.79 3.21 11.75
CA PHE A 4 6.09 4.38 10.92
C PHE A 4 7.15 3.98 9.91
N ARG A 5 6.84 4.14 8.62
CA ARG A 5 7.66 3.64 7.54
C ARG A 5 8.01 4.76 6.59
N CYS A 6 9.28 4.89 6.22
CA CYS A 6 9.69 5.72 5.09
C CYS A 6 10.15 4.85 3.93
N LEU A 7 9.34 4.79 2.89
CA LEU A 7 9.61 3.95 1.76
C LEU A 7 10.22 4.80 0.67
N GLN A 8 11.45 4.46 0.27
CA GLN A 8 12.09 5.10 -0.86
C GLN A 8 12.22 4.10 -1.99
N MET A 9 11.94 4.54 -3.21
CA MET A 9 12.07 3.67 -4.36
C MET A 9 12.77 4.46 -5.46
N SER A 10 13.93 3.95 -5.87
CA SER A 10 14.80 4.58 -6.85
C SER A 10 15.02 3.60 -8.00
N SER A 11 14.90 4.11 -9.21
CA SER A 11 15.21 3.35 -10.40
C SER A 11 16.38 4.00 -11.12
N PHE A 12 17.31 3.18 -11.58
CA PHE A 12 18.35 3.60 -12.50
C PHE A 12 18.15 2.79 -13.79
N ALA A 13 17.95 3.51 -14.89
CA ALA A 13 17.77 2.90 -16.21
C ALA A 13 19.06 2.98 -17.02
N ASN A 14 19.69 4.14 -17.00
CA ASN A 14 20.87 4.40 -17.82
C ASN A 14 21.94 4.91 -16.88
N ARG A 15 22.78 5.82 -17.37
CA ARG A 15 23.57 6.70 -16.52
C ARG A 15 23.04 8.12 -16.73
N SER A 16 22.32 8.29 -17.83
CA SER A 16 21.60 9.52 -18.10
C SER A 16 20.35 9.58 -17.24
N TRP A 17 19.79 8.43 -16.88
CA TRP A 17 18.43 8.41 -16.34
C TRP A 17 18.33 7.69 -15.02
N SER A 18 17.63 8.31 -14.07
CA SER A 18 17.32 7.71 -12.78
C SER A 18 16.37 8.62 -12.01
N ARG A 19 15.57 8.04 -11.13
CA ARG A 19 14.70 8.84 -10.25
C ARG A 19 14.33 8.18 -8.92
N THR A 20 14.15 9.03 -7.91
CA THR A 20 13.84 8.65 -6.53
C THR A 20 12.55 9.33 -6.06
N ASP A 21 11.62 8.51 -5.60
CA ASP A 21 10.35 8.99 -5.12
C ASP A 21 10.10 8.23 -3.84
N SER A 22 9.78 8.97 -2.78
CA SER A 22 9.51 8.40 -1.48
C SER A 22 8.06 8.65 -1.10
N VAL A 23 7.54 7.83 -0.19
CA VAL A 23 6.26 8.04 0.46
C VAL A 23 6.34 7.49 1.89
N VAL A 24 5.79 8.18 2.88
CA VAL A 24 5.87 7.69 4.26
C VAL A 24 4.48 7.52 4.86
N TRP A 25 4.37 6.62 5.83
CA TRP A 25 3.10 6.16 6.38
C TRP A 25 3.18 6.08 7.89
N LEU A 26 2.03 6.25 8.54
CA LEU A 26 1.88 5.93 9.94
C LEU A 26 0.76 4.90 10.05
N GLY A 27 1.11 3.63 9.95
CA GLY A 27 0.12 2.58 9.76
C GLY A 27 -0.62 2.80 8.45
N ASP A 28 -1.93 2.91 8.52
CA ASP A 28 -2.81 3.07 7.36
C ASP A 28 -2.59 4.33 6.51
N LEU A 29 -2.38 5.43 7.20
CA LEU A 29 -2.55 6.76 6.60
C LEU A 29 -1.20 7.30 6.17
N GLN A 30 -1.13 7.76 4.93
CA GLN A 30 0.09 8.35 4.41
C GLN A 30 0.24 9.74 4.99
N THR A 31 1.42 10.03 5.54
CA THR A 31 1.73 11.35 6.07
C THR A 31 2.52 12.22 5.11
N HIS A 32 3.33 11.61 4.26
CA HIS A 32 4.16 12.38 3.32
C HIS A 32 4.27 11.71 1.97
N ARG A 33 4.60 12.56 1.00
CA ARG A 33 4.97 12.15 -0.35
C ARG A 33 6.18 13.03 -0.70
N TRP A 34 7.10 12.51 -1.50
CA TRP A 34 8.21 13.31 -2.03
C TRP A 34 8.61 12.82 -3.41
N SER A 35 8.07 13.46 -4.44
CA SER A 35 8.40 13.15 -5.83
C SER A 35 9.84 13.51 -6.17
N ASN A 36 10.38 12.86 -7.20
CA ASN A 36 11.73 13.18 -7.66
C ASN A 36 11.80 14.64 -8.11
N ASP A 37 10.75 15.09 -8.78
CA ASP A 37 10.75 16.42 -9.38
C ASP A 37 10.38 17.57 -8.41
N SER A 38 9.94 17.27 -7.19
CA SER A 38 9.71 18.32 -6.20
C SER A 38 10.93 18.42 -5.32
N ALA A 39 11.42 19.64 -5.12
CA ALA A 39 12.63 19.89 -4.32
C ALA A 39 12.41 19.71 -2.83
N THR A 40 11.14 19.76 -2.41
CA THR A 40 10.80 19.62 -1.01
C THR A 40 9.80 18.47 -0.85
N ILE A 41 9.60 18.09 0.41
CA ILE A 41 8.79 16.96 0.82
C ILE A 41 7.37 17.41 1.10
N SER A 42 6.42 16.94 0.30
CA SER A 42 5.03 17.28 0.52
C SER A 42 4.43 16.65 1.77
N PHE A 43 3.48 17.37 2.36
CA PHE A 43 2.69 16.92 3.50
C PHE A 43 1.33 16.47 2.99
N THR A 44 0.99 15.20 3.17
CA THR A 44 -0.33 14.70 2.79
C THR A 44 -1.32 14.80 3.95
N LYS A 45 -0.87 15.26 5.12
CA LYS A 45 -1.77 15.51 6.22
C LYS A 45 -1.47 16.88 6.79
N PRO A 46 -2.46 17.50 7.44
CA PRO A 46 -2.27 18.78 8.12
C PRO A 46 -1.23 18.68 9.23
N TRP A 47 -1.15 17.49 9.83
CA TRP A 47 -0.25 17.26 10.95
C TRP A 47 1.05 16.61 10.51
N SER A 48 1.27 16.49 9.21
CA SER A 48 2.48 15.85 8.73
C SER A 48 3.79 16.42 9.28
N GLN A 49 3.75 17.60 9.90
CA GLN A 49 4.94 18.17 10.55
C GLN A 49 5.13 17.69 12.00
N GLY A 50 4.13 17.00 12.55
CA GLY A 50 4.21 16.48 13.91
C GLY A 50 4.29 17.59 14.95
N LYS A 51 5.43 17.69 15.63
CA LYS A 51 5.62 18.75 16.60
C LYS A 51 6.82 19.63 16.28
N LEU A 52 7.80 19.09 15.56
CA LEU A 52 9.00 19.82 15.16
C LEU A 52 8.65 21.20 14.64
N SER A 53 9.46 22.19 15.02
CA SER A 53 9.24 23.55 14.52
C SER A 53 9.58 23.57 13.04
N ASN A 54 9.28 24.70 12.41
CA ASN A 54 9.70 24.95 11.03
C ASN A 54 11.20 24.84 10.89
N GLN A 55 11.90 25.44 11.85
CA GLN A 55 13.34 25.28 12.00
C GLN A 55 13.69 23.79 11.97
N GLN A 56 13.25 23.09 13.00
CA GLN A 56 13.62 21.69 13.22
C GLN A 56 13.26 20.81 12.04
N TRP A 57 12.10 21.08 11.43
CA TRP A 57 11.70 20.39 10.21
C TRP A 57 12.67 20.68 9.08
N GLU A 58 12.92 21.96 8.84
CA GLU A 58 13.80 22.37 7.74
C GLU A 58 15.22 21.81 7.88
N LYS A 59 15.65 21.64 9.12
CA LYS A 59 16.96 21.06 9.40
C LYS A 59 16.96 19.65 8.80
N LEU A 60 16.01 18.84 9.26
CA LEU A 60 15.81 17.49 8.75
C LEU A 60 15.55 17.40 7.25
N GLN A 61 14.89 18.40 6.67
CA GLN A 61 14.63 18.41 5.23
C GLN A 61 15.90 18.68 4.45
N HIS A 62 16.73 19.60 4.94
CA HIS A 62 17.96 19.93 4.24
C HIS A 62 18.79 18.67 4.13
N MET A 63 18.80 17.92 5.23
CA MET A 63 19.60 16.71 5.34
C MET A 63 19.16 15.67 4.31
N PHE A 64 17.86 15.57 4.08
CA PHE A 64 17.36 14.62 3.09
C PHE A 64 17.66 15.06 1.66
N GLN A 65 17.50 16.36 1.39
CA GLN A 65 17.87 16.97 0.10
C GLN A 65 19.32 16.73 -0.29
N VAL A 66 20.21 16.71 0.70
CA VAL A 66 21.59 16.36 0.45
C VAL A 66 21.74 14.86 0.20
N TYR A 67 21.09 14.08 1.06
CA TYR A 67 21.14 12.64 0.94
C TYR A 67 20.64 12.16 -0.42
N ARG A 68 19.59 12.78 -0.93
CA ARG A 68 18.99 12.30 -2.17
C ARG A 68 19.95 12.45 -3.34
N VAL A 69 20.53 13.62 -3.51
CA VAL A 69 21.48 13.83 -4.60
C VAL A 69 22.69 12.92 -4.41
N SER A 70 23.17 12.82 -3.17
CA SER A 70 24.32 11.98 -2.89
C SER A 70 24.03 10.54 -3.28
N PHE A 71 22.99 9.99 -2.66
CA PHE A 71 22.57 8.63 -2.93
C PHE A 71 22.62 8.37 -4.44
N THR A 72 21.99 9.23 -5.24
CA THR A 72 21.98 9.03 -6.68
C THR A 72 23.39 8.93 -7.23
N ARG A 73 24.16 9.99 -7.02
CA ARG A 73 25.54 10.08 -7.50
C ARG A 73 26.42 8.93 -7.06
N ASP A 74 26.29 8.50 -5.81
CA ASP A 74 27.08 7.40 -5.28
C ASP A 74 26.72 6.09 -5.96
N ILE A 75 25.42 5.85 -6.12
CA ILE A 75 24.91 4.60 -6.69
C ILE A 75 25.29 4.46 -8.16
N GLN A 76 25.24 5.57 -8.89
CA GLN A 76 25.64 5.59 -10.29
C GLN A 76 27.09 5.16 -10.44
N GLU A 77 27.95 5.60 -9.50
CA GLU A 77 29.34 5.22 -9.52
C GLU A 77 29.50 3.76 -9.13
N LEU A 78 28.76 3.34 -8.11
CA LEU A 78 28.69 1.93 -7.76
C LEU A 78 28.35 1.11 -9.00
N VAL A 79 27.46 1.62 -9.84
CA VAL A 79 27.09 0.95 -11.09
C VAL A 79 28.29 0.79 -12.04
N LYS A 80 29.07 1.85 -12.23
CA LYS A 80 30.19 1.80 -13.18
C LYS A 80 31.09 0.64 -12.83
N MET A 81 31.65 0.70 -11.62
CA MET A 81 32.69 -0.24 -11.22
C MET A 81 32.06 -1.39 -10.43
N MET A 82 31.58 -2.44 -11.09
CA MET A 82 30.86 -3.49 -10.35
C MET A 82 30.51 -4.81 -11.06
N SER A 83 30.06 -5.78 -10.24
CA SER A 83 29.55 -7.12 -10.62
C SER A 83 30.46 -7.83 -11.62
N PRO A 84 29.93 -8.61 -12.55
CA PRO A 84 30.57 -8.67 -13.87
C PRO A 84 30.29 -7.32 -14.53
N LYS A 85 29.02 -7.03 -14.77
CA LYS A 85 28.52 -5.68 -15.04
C LYS A 85 27.02 -5.87 -15.30
N GLU A 86 26.19 -5.44 -14.35
CA GLU A 86 24.75 -5.73 -14.40
C GLU A 86 23.94 -4.69 -15.20
N ILE A 90 18.39 -1.11 -12.97
CA ILE A 90 18.54 -1.29 -11.53
C ILE A 90 17.46 -0.63 -10.67
N GLU A 91 16.98 -1.37 -9.68
CA GLU A 91 15.86 -0.95 -8.85
C GLU A 91 16.23 -1.16 -7.39
N ILE A 92 16.32 -0.08 -6.62
CA ILE A 92 16.71 -0.16 -5.20
C ILE A 92 15.61 0.40 -4.32
N GLN A 93 15.44 -0.14 -3.11
CA GLN A 93 14.35 0.29 -2.24
C GLN A 93 14.82 0.42 -0.82
N LEU A 94 14.38 1.48 -0.12
CA LEU A 94 14.63 1.60 1.32
C LEU A 94 13.33 1.65 2.11
N SER A 95 13.30 0.90 3.20
CA SER A 95 12.22 0.94 4.17
C SER A 95 12.84 1.21 5.53
N ALA A 96 12.58 2.39 6.06
CA ALA A 96 13.20 2.83 7.30
C ALA A 96 12.12 3.40 8.22
N GLY A 97 12.33 3.28 9.53
CA GLY A 97 11.41 3.85 10.50
C GLY A 97 11.40 3.12 11.83
N CYS A 98 10.30 3.20 12.55
CA CYS A 98 10.24 2.62 13.89
C CYS A 98 8.84 2.19 14.31
N GLU A 99 8.76 1.36 15.34
CA GLU A 99 7.48 0.81 15.80
C GLU A 99 7.27 1.15 17.25
N MET A 100 6.25 1.97 17.51
CA MET A 100 5.98 2.49 18.85
C MET A 100 5.23 1.45 19.67
N TYR A 101 5.33 1.60 20.99
CA TYR A 101 4.81 0.60 21.91
C TYR A 101 4.35 1.30 23.20
N PRO A 102 3.54 0.60 23.99
CA PRO A 102 2.90 1.15 25.19
C PRO A 102 3.75 2.10 26.04
N GLY A 103 4.99 1.72 26.30
CA GLY A 103 5.85 2.42 27.25
C GLY A 103 6.93 3.23 26.57
N ASN A 104 6.52 4.07 25.62
CA ASN A 104 7.45 4.88 24.85
C ASN A 104 8.62 4.04 24.32
N ALA A 105 8.35 2.76 24.05
CA ALA A 105 9.38 1.88 23.53
C ALA A 105 9.22 1.80 22.02
N SER A 106 10.32 1.47 21.33
CA SER A 106 10.30 1.26 19.89
C SER A 106 11.49 0.46 19.34
N GLU A 107 11.28 -0.18 18.20
CA GLU A 107 12.40 -0.75 17.49
C GLU A 107 12.46 0.02 16.17
N SER A 108 13.62 0.64 15.93
CA SER A 108 13.89 1.32 14.68
C SER A 108 14.42 0.32 13.67
N PHE A 109 14.36 0.69 12.40
CA PHE A 109 14.75 -0.22 11.32
C PHE A 109 15.12 0.53 10.05
N LEU A 110 15.91 -0.15 9.23
CA LEU A 110 16.34 0.39 7.96
C LEU A 110 16.81 -0.80 7.14
N HIS A 111 16.09 -1.07 6.05
CA HIS A 111 16.38 -2.19 5.17
C HIS A 111 16.50 -1.68 3.75
N VAL A 112 17.45 -2.24 2.99
CA VAL A 112 17.59 -1.97 1.58
C VAL A 112 17.38 -3.24 0.77
N ALA A 113 16.58 -3.11 -0.28
CA ALA A 113 16.39 -4.17 -1.25
C ALA A 113 16.93 -3.75 -2.62
N PHE A 114 17.62 -4.68 -3.27
CA PHE A 114 18.19 -4.48 -4.59
C PHE A 114 17.52 -5.51 -5.51
N GLN A 115 16.91 -5.00 -6.58
CA GLN A 115 16.18 -5.80 -7.56
C GLN A 115 15.04 -6.58 -6.90
N GLY A 116 14.44 -5.98 -5.89
CA GLY A 116 13.33 -6.57 -5.16
C GLY A 116 13.77 -7.57 -4.10
N LYS A 117 15.06 -7.72 -3.89
CA LYS A 117 15.52 -8.63 -2.84
C LYS A 117 16.29 -7.91 -1.74
N TYR A 118 15.88 -8.18 -0.50
CA TYR A 118 16.47 -7.60 0.70
C TYR A 118 17.93 -8.01 0.84
N VAL A 119 18.82 -7.01 0.94
CA VAL A 119 20.26 -7.26 0.91
C VAL A 119 21.08 -6.60 2.02
N VAL A 120 20.71 -5.39 2.42
CA VAL A 120 21.44 -4.67 3.44
C VAL A 120 20.47 -4.08 4.44
N ARG A 121 20.90 -4.05 5.69
CA ARG A 121 20.20 -3.30 6.73
C ARG A 121 21.23 -2.53 7.54
N PHE A 122 20.80 -1.47 8.21
CA PHE A 122 21.66 -0.81 9.17
C PHE A 122 21.30 -1.33 10.55
N TRP A 123 22.29 -1.84 11.29
CA TRP A 123 22.01 -2.48 12.58
C TRP A 123 23.05 -2.08 13.62
N GLY A 124 22.56 -1.47 14.71
CA GLY A 124 23.42 -0.88 15.73
C GLY A 124 24.16 0.37 15.29
N THR A 125 25.36 0.15 14.76
CA THR A 125 26.30 1.22 14.43
C THR A 125 26.88 1.09 13.04
N SER A 126 26.77 -0.09 12.42
CA SER A 126 27.26 -0.28 11.06
C SER A 126 26.22 -0.85 10.11
N TRP A 127 26.50 -0.62 8.83
CA TRP A 127 25.80 -1.26 7.73
C TRP A 127 26.22 -2.71 7.67
N GLN A 128 25.32 -3.55 7.15
CA GLN A 128 25.48 -4.99 7.16
C GLN A 128 24.81 -5.62 5.95
N THR A 129 25.62 -6.20 5.09
CA THR A 129 25.17 -7.20 4.12
C THR A 129 24.42 -8.30 4.85
N VAL A 130 23.19 -8.59 4.44
CA VAL A 130 22.42 -9.69 5.04
C VAL A 130 22.81 -11.04 4.42
N PRO A 131 22.63 -12.13 5.18
CA PRO A 131 23.11 -13.43 4.73
C PRO A 131 22.47 -13.84 3.41
N GLY A 132 23.32 -14.26 2.48
CA GLY A 132 22.87 -14.71 1.17
C GLY A 132 22.96 -13.68 0.07
N ALA A 133 23.36 -12.46 0.43
CA ALA A 133 23.47 -11.36 -0.53
C ALA A 133 24.68 -11.58 -1.42
N PRO A 134 24.70 -10.92 -2.57
CA PRO A 134 25.84 -11.06 -3.47
C PRO A 134 27.15 -10.60 -2.83
N SER A 135 28.20 -11.38 -2.99
CA SER A 135 29.53 -11.07 -2.45
C SER A 135 30.02 -9.68 -2.77
N TRP A 136 29.79 -9.22 -3.99
CA TRP A 136 30.34 -7.93 -4.43
C TRP A 136 29.81 -6.72 -3.67
N LEU A 137 28.80 -6.93 -2.83
CA LEU A 137 28.30 -5.88 -1.96
C LEU A 137 29.18 -5.68 -0.72
N ASP A 138 29.93 -6.72 -0.35
CA ASP A 138 30.78 -6.65 0.83
C ASP A 138 31.67 -5.41 0.82
N LEU A 139 32.39 -5.20 -0.27
CA LEU A 139 33.33 -4.09 -0.36
C LEU A 139 32.64 -2.73 -0.26
N PRO A 140 31.70 -2.43 -1.14
CA PRO A 140 30.89 -1.21 -1.04
C PRO A 140 30.37 -0.98 0.37
N ILE A 141 29.81 -2.01 0.98
CA ILE A 141 29.22 -1.88 2.31
C ILE A 141 30.31 -1.57 3.34
N LYS A 142 31.54 -2.01 3.05
CA LYS A 142 32.67 -1.65 3.91
C LYS A 142 33.08 -0.20 3.65
N VAL A 143 33.13 0.24 2.39
CA VAL A 143 33.59 1.59 2.11
C VAL A 143 32.63 2.55 2.81
N LEU A 144 31.34 2.32 2.60
CA LEU A 144 30.30 3.13 3.20
C LEU A 144 30.42 3.15 4.73
N ASN A 145 30.79 2.03 5.31
CA ASN A 145 31.06 1.94 6.76
C ASN A 145 32.28 2.71 7.25
N ALA A 146 33.10 3.19 6.32
CA ALA A 146 34.25 4.05 6.62
C ALA A 146 33.81 5.49 6.84
N ASP A 147 32.68 5.87 6.26
CA ASP A 147 32.11 7.20 6.44
C ASP A 147 31.34 7.17 7.76
N GLN A 148 32.00 7.58 8.83
CA GLN A 148 31.41 7.56 10.17
C GLN A 148 30.36 8.66 10.34
N GLY A 149 30.50 9.77 9.63
CA GLY A 149 29.51 10.84 9.72
C GLY A 149 28.13 10.29 9.40
N THR A 150 28.04 9.57 8.30
CA THR A 150 26.76 9.01 7.89
C THR A 150 26.26 7.94 8.86
N SER A 151 27.16 7.31 9.61
CA SER A 151 26.75 6.28 10.56
C SER A 151 26.23 6.92 11.83
N ALA A 152 26.88 7.99 12.26
CA ALA A 152 26.40 8.80 13.38
C ALA A 152 25.08 9.47 12.97
N THR A 153 25.04 10.03 11.77
CA THR A 153 23.80 10.60 11.28
C THR A 153 22.67 9.57 11.31
N VAL A 154 22.92 8.40 10.73
CA VAL A 154 21.88 7.37 10.61
C VAL A 154 21.45 6.85 11.98
N GLN A 155 22.37 6.87 12.93
CA GLN A 155 22.06 6.45 14.28
C GLN A 155 21.20 7.47 15.03
N MET A 156 21.46 8.75 14.78
CA MET A 156 20.62 9.81 15.34
C MET A 156 19.19 9.68 14.82
N LEU A 157 19.06 9.39 13.53
CA LEU A 157 17.74 9.35 12.89
C LEU A 157 16.92 8.18 13.40
N LEU A 158 17.59 7.05 13.59
CA LEU A 158 16.92 5.83 14.03
C LEU A 158 16.67 5.85 15.54
N ASN A 159 17.75 5.97 16.31
CA ASN A 159 17.62 5.92 17.76
C ASN A 159 16.78 7.10 18.22
N ASP A 160 16.99 8.29 17.65
CA ASP A 160 16.42 9.50 18.21
C ASP A 160 15.23 10.09 17.45
N THR A 161 15.48 10.55 16.23
CA THR A 161 14.49 11.33 15.52
C THR A 161 13.22 10.51 15.31
N CYS A 162 13.39 9.27 14.87
CA CYS A 162 12.22 8.46 14.59
C CYS A 162 11.21 8.43 15.74
N PRO A 163 11.56 7.95 16.93
CA PRO A 163 10.57 7.93 18.01
C PRO A 163 10.07 9.34 18.31
N LEU A 164 11.00 10.27 18.43
CA LEU A 164 10.69 11.66 18.73
C LEU A 164 9.60 12.18 17.79
N PHE A 165 9.87 12.12 16.50
CA PHE A 165 8.97 12.65 15.49
C PHE A 165 7.63 11.93 15.57
N VAL A 166 7.70 10.61 15.60
CA VAL A 166 6.49 9.80 15.53
C VAL A 166 5.58 10.04 16.72
N ARG A 167 6.16 10.20 17.90
CA ARG A 167 5.37 10.60 19.07
C ARG A 167 4.58 11.85 18.78
N GLY A 168 5.26 12.83 18.20
CA GLY A 168 4.62 14.08 17.78
C GLY A 168 3.48 13.87 16.80
N LEU A 169 3.68 12.96 15.85
CA LEU A 169 2.64 12.65 14.87
C LEU A 169 1.40 12.08 15.56
N LEU A 170 1.62 11.19 16.51
CA LEU A 170 0.52 10.54 17.19
C LEU A 170 -0.36 11.56 17.90
N GLU A 171 0.25 12.57 18.47
CA GLU A 171 -0.53 13.61 19.14
C GLU A 171 -1.14 14.47 18.05
N ALA A 172 -0.30 14.99 17.16
CA ALA A 172 -0.75 15.88 16.12
C ALA A 172 -1.90 15.28 15.31
N GLY A 173 -1.82 13.99 14.99
CA GLY A 173 -2.83 13.36 14.14
C GLY A 173 -3.99 12.66 14.80
N LYS A 174 -4.09 12.80 16.12
CA LYS A 174 -4.97 11.96 16.95
C LYS A 174 -6.34 11.71 16.33
N SER A 175 -7.00 12.80 15.92
CA SER A 175 -8.37 12.71 15.44
C SER A 175 -8.47 11.89 14.16
N ASP A 176 -7.46 12.00 13.31
CA ASP A 176 -7.39 11.20 12.09
C ASP A 176 -7.16 9.71 12.36
N LEU A 177 -6.22 9.39 13.24
CA LEU A 177 -5.87 7.99 13.51
C LEU A 177 -6.94 7.29 14.34
N GLU A 178 -7.67 8.07 15.15
CA GLU A 178 -8.75 7.52 15.97
C GLU A 178 -10.10 7.81 15.32
N LYS A 179 -10.09 8.06 14.01
CA LYS A 179 -11.36 8.25 13.33
C LYS A 179 -12.04 6.89 13.34
N GLN A 180 -13.36 6.95 13.35
CA GLN A 180 -14.14 5.76 13.10
C GLN A 180 -15.02 6.10 11.91
N GLU A 181 -14.95 5.27 10.87
CA GLU A 181 -15.81 5.43 9.71
C GLU A 181 -16.60 4.15 9.54
N LYS A 182 -17.88 4.29 9.25
CA LYS A 182 -18.77 3.15 9.29
C LYS A 182 -18.77 2.43 7.95
N PRO A 183 -18.84 1.10 8.00
CA PRO A 183 -18.94 0.29 6.78
C PRO A 183 -20.36 0.31 6.25
N VAL A 184 -20.51 0.44 4.94
CA VAL A 184 -21.77 0.08 4.32
C VAL A 184 -21.54 -1.26 3.62
N ALA A 185 -22.57 -2.11 3.65
CA ALA A 185 -22.50 -3.49 3.18
C ALA A 185 -23.56 -3.76 2.11
N TRP A 186 -23.22 -4.64 1.18
CA TRP A 186 -24.18 -5.13 0.20
C TRP A 186 -23.92 -6.57 -0.21
N LEU A 187 -24.97 -7.19 -0.74
CA LEU A 187 -24.97 -8.60 -1.07
C LEU A 187 -25.11 -8.85 -2.55
N SER A 188 -24.56 -9.98 -2.98
CA SER A 188 -24.71 -10.47 -4.35
C SER A 188 -24.21 -11.92 -4.41
N SER A 189 -24.46 -12.60 -5.52
CA SER A 189 -23.95 -13.94 -5.70
C SER A 189 -23.61 -14.22 -7.15
N VAL A 190 -22.72 -15.19 -7.35
CA VAL A 190 -22.37 -15.67 -8.68
C VAL A 190 -22.23 -17.19 -8.66
N PRO A 191 -22.54 -17.85 -9.77
CA PRO A 191 -22.33 -19.29 -9.86
C PRO A 191 -20.88 -19.64 -9.53
N SER A 192 -20.68 -20.83 -8.99
CA SER A 192 -19.34 -21.39 -8.78
C SER A 192 -19.05 -22.44 -9.85
N SER A 193 -17.89 -23.09 -9.75
CA SER A 193 -17.48 -24.14 -10.68
C SER A 193 -18.40 -25.35 -10.56
N ALA A 194 -18.49 -25.85 -9.33
CA ALA A 194 -19.45 -26.88 -8.97
C ALA A 194 -20.83 -26.52 -9.53
N HIS A 195 -21.44 -27.49 -10.21
CA HIS A 195 -22.80 -27.32 -10.72
C HIS A 195 -23.74 -27.36 -9.53
N GLY A 196 -24.83 -26.59 -9.61
CA GLY A 196 -25.81 -26.51 -8.54
C GLY A 196 -25.42 -25.52 -7.45
N HIS A 197 -24.12 -25.24 -7.36
CA HIS A 197 -23.59 -24.36 -6.34
C HIS A 197 -23.53 -22.91 -6.78
N ARG A 198 -23.84 -22.02 -5.84
CA ARG A 198 -23.65 -20.58 -5.99
C ARG A 198 -22.76 -20.00 -4.91
N GLN A 199 -22.18 -18.86 -5.24
CA GLN A 199 -21.28 -18.15 -4.34
C GLN A 199 -21.91 -16.83 -3.90
N LEU A 200 -22.30 -16.77 -2.63
CA LEU A 200 -22.85 -15.55 -2.04
C LEU A 200 -21.70 -14.67 -1.62
N VAL A 201 -21.84 -13.37 -1.86
CA VAL A 201 -20.79 -12.42 -1.52
C VAL A 201 -21.31 -11.28 -0.64
N CYS A 202 -20.50 -10.97 0.35
CA CYS A 202 -20.83 -9.92 1.29
C CYS A 202 -19.78 -8.81 1.19
N HIS A 203 -20.12 -7.76 0.45
CA HIS A 203 -19.24 -6.62 0.23
C HIS A 203 -19.44 -5.60 1.35
N VAL A 204 -18.33 -5.13 1.92
CA VAL A 204 -18.32 -4.23 3.06
C VAL A 204 -17.30 -3.12 2.80
N SER A 205 -17.74 -1.90 2.57
CA SER A 205 -16.85 -0.86 2.06
C SER A 205 -17.00 0.40 2.88
N GLY A 206 -15.88 1.06 3.14
CA GLY A 206 -15.87 2.38 3.75
C GLY A 206 -15.54 2.47 5.23
N PHE A 207 -15.00 1.40 5.81
CA PHE A 207 -14.83 1.34 7.25
C PHE A 207 -13.44 1.79 7.68
N TYR A 208 -13.36 2.30 8.90
CA TYR A 208 -12.09 2.69 9.51
C TYR A 208 -12.18 2.61 11.04
N PRO A 209 -11.19 2.08 11.74
CA PRO A 209 -9.98 1.49 11.18
C PRO A 209 -10.16 0.08 10.63
N LYS A 210 -9.05 -0.47 10.13
CA LYS A 210 -9.03 -1.72 9.40
C LYS A 210 -9.74 -2.89 10.09
N PRO A 211 -9.44 -3.22 11.35
CA PRO A 211 -9.96 -4.46 11.92
C PRO A 211 -11.50 -4.50 11.85
N VAL A 212 -12.02 -5.65 11.42
CA VAL A 212 -13.42 -5.80 11.03
C VAL A 212 -13.75 -7.28 11.09
N TRP A 213 -15.04 -7.61 11.15
CA TRP A 213 -15.45 -8.99 11.28
C TRP A 213 -16.67 -9.16 10.40
N VAL A 214 -16.63 -10.11 9.48
CA VAL A 214 -17.72 -10.28 8.53
C VAL A 214 -18.05 -11.76 8.39
N MET A 215 -19.20 -12.16 8.92
CA MET A 215 -19.52 -13.58 8.91
C MET A 215 -20.89 -13.86 8.30
N TRP A 216 -20.96 -14.88 7.45
CA TRP A 216 -22.24 -15.36 7.01
C TRP A 216 -22.84 -16.17 8.16
N MET A 217 -24.06 -15.79 8.52
CA MET A 217 -24.81 -16.44 9.58
C MET A 217 -26.06 -17.14 9.04
N ARG A 218 -26.39 -18.26 9.68
CA ARG A 218 -27.75 -18.78 9.61
C ARG A 218 -28.31 -18.65 11.02
N GLY A 219 -29.11 -17.63 11.24
CA GLY A 219 -29.51 -17.30 12.60
C GLY A 219 -28.25 -17.07 13.40
N ASP A 220 -27.98 -18.00 14.32
CA ASP A 220 -26.83 -17.89 15.21
C ASP A 220 -25.71 -18.89 14.93
N GLN A 221 -25.92 -19.80 13.97
CA GLN A 221 -24.86 -20.71 13.57
C GLN A 221 -23.93 -20.02 12.58
N GLU A 222 -22.80 -19.56 13.12
CA GLU A 222 -21.72 -19.02 12.32
C GLU A 222 -21.45 -19.98 11.17
N GLN A 223 -21.67 -19.54 9.93
CA GLN A 223 -21.36 -20.36 8.77
C GLN A 223 -19.86 -20.39 8.51
N GLN A 224 -19.19 -21.42 9.02
CA GLN A 224 -17.73 -21.47 9.06
C GLN A 224 -17.03 -21.69 7.71
N GLY A 225 -17.80 -21.94 6.66
CA GLY A 225 -17.26 -22.00 5.31
C GLY A 225 -16.91 -20.64 4.75
N THR A 226 -17.38 -19.60 5.44
CA THR A 226 -17.16 -18.20 5.06
C THR A 226 -15.70 -17.90 4.79
N HIS A 227 -15.40 -17.48 3.56
CA HIS A 227 -14.04 -17.19 3.13
C HIS A 227 -13.79 -15.69 3.02
N ARG A 228 -12.90 -15.15 3.84
CA ARG A 228 -12.65 -13.70 3.88
C ARG A 228 -11.60 -13.31 2.85
N GLY A 229 -11.92 -12.34 2.01
CA GLY A 229 -10.98 -11.88 0.98
C GLY A 229 -9.85 -11.06 1.56
N ASP A 230 -9.12 -10.39 0.68
CA ASP A 230 -8.08 -9.46 1.14
C ASP A 230 -8.71 -8.12 1.44
N PHE A 231 -8.07 -7.38 2.32
CA PHE A 231 -8.46 -6.02 2.60
C PHE A 231 -7.99 -5.16 1.44
N LEU A 232 -8.89 -4.35 0.88
CA LEU A 232 -8.60 -3.51 -0.29
C LEU A 232 -8.90 -2.05 0.01
N PRO A 233 -7.97 -1.17 -0.32
CA PRO A 233 -8.09 0.24 0.04
C PRO A 233 -9.00 1.02 -0.90
N ASN A 234 -9.88 1.82 -0.33
CA ASN A 234 -10.55 2.89 -1.07
C ASN A 234 -9.60 4.09 -1.15
N ALA A 235 -9.97 5.11 -1.93
CA ALA A 235 -9.12 6.28 -2.04
C ALA A 235 -9.44 7.32 -0.97
N ASP A 236 -10.65 7.30 -0.42
CA ASP A 236 -10.99 8.20 0.70
C ASP A 236 -10.51 7.72 2.07
N GLU A 237 -9.46 6.90 2.09
CA GLU A 237 -8.82 6.39 3.31
C GLU A 237 -9.80 5.63 4.20
N THR A 238 -10.31 4.55 3.62
CA THR A 238 -11.19 3.61 4.27
C THR A 238 -10.96 2.29 3.54
N TRP A 239 -11.54 1.23 4.09
CA TRP A 239 -11.18 -0.10 3.68
C TRP A 239 -12.35 -0.80 3.00
N TYR A 240 -12.01 -1.73 2.12
CA TYR A 240 -12.97 -2.58 1.44
C TYR A 240 -12.60 -4.03 1.70
N LEU A 241 -13.61 -4.81 2.07
CA LEU A 241 -13.45 -6.24 2.28
C LEU A 241 -14.71 -6.95 1.79
N GLN A 242 -14.55 -8.20 1.41
CA GLN A 242 -15.70 -9.04 1.10
C GLN A 242 -15.48 -10.50 1.52
N ALA A 243 -16.60 -11.14 1.85
CA ALA A 243 -16.61 -12.50 2.34
C ALA A 243 -17.57 -13.31 1.50
N THR A 244 -17.05 -14.34 0.86
CA THR A 244 -17.82 -15.24 0.02
C THR A 244 -18.19 -16.51 0.76
N LEU A 245 -19.42 -16.99 0.55
CA LEU A 245 -19.83 -18.29 1.05
C LEU A 245 -20.46 -19.09 -0.07
N ASP A 246 -19.85 -20.23 -0.35
CA ASP A 246 -20.34 -21.11 -1.40
C ASP A 246 -21.48 -21.94 -0.81
N VAL A 247 -22.54 -22.15 -1.59
CA VAL A 247 -23.73 -22.82 -1.09
C VAL A 247 -24.52 -23.56 -2.18
N GLU A 248 -25.34 -24.52 -1.74
CA GLU A 248 -26.18 -25.28 -2.66
C GLU A 248 -27.28 -24.32 -3.08
N ALA A 249 -27.66 -24.32 -4.36
CA ALA A 249 -28.74 -23.44 -4.80
C ALA A 249 -29.96 -23.73 -3.93
N GLY A 250 -30.73 -22.67 -3.62
CA GLY A 250 -31.84 -22.78 -2.68
C GLY A 250 -31.44 -22.85 -1.22
N GLU A 251 -30.22 -23.29 -0.96
CA GLU A 251 -29.69 -23.36 0.41
C GLU A 251 -29.36 -21.96 0.91
N GLU A 252 -29.56 -20.97 0.05
CA GLU A 252 -29.45 -19.56 0.38
C GLU A 252 -30.48 -19.11 1.41
N ALA A 253 -31.54 -19.89 1.55
CA ALA A 253 -32.75 -19.46 2.23
C ALA A 253 -32.60 -19.30 3.75
N GLY A 254 -32.81 -18.08 4.24
CA GLY A 254 -32.75 -17.78 5.66
C GLY A 254 -31.36 -17.41 6.13
N LEU A 255 -30.47 -17.11 5.18
CA LEU A 255 -29.09 -16.73 5.50
C LEU A 255 -28.95 -15.23 5.60
N ALA A 256 -28.12 -14.78 6.54
CA ALA A 256 -27.75 -13.38 6.62
C ALA A 256 -26.24 -13.26 6.80
N CYS A 257 -25.69 -12.17 6.29
CA CYS A 257 -24.31 -11.82 6.54
C CYS A 257 -24.33 -10.68 7.56
N ARG A 258 -23.55 -10.81 8.62
CA ARG A 258 -23.43 -9.75 9.62
C ARG A 258 -22.02 -9.19 9.76
N VAL A 259 -21.93 -7.97 10.24
CA VAL A 259 -20.66 -7.30 10.35
C VAL A 259 -20.53 -6.64 11.73
N LYS A 260 -19.43 -6.92 12.42
CA LYS A 260 -19.04 -6.22 13.63
C LYS A 260 -17.92 -5.26 13.27
N HIS A 261 -17.88 -4.10 13.92
CA HIS A 261 -16.82 -3.13 13.69
C HIS A 261 -16.87 -2.03 14.72
N SER A 262 -15.70 -1.66 15.23
CA SER A 262 -15.60 -0.61 16.24
C SER A 262 -16.62 0.50 16.08
N SER A 263 -16.74 1.04 14.87
CA SER A 263 -17.54 2.23 14.58
C SER A 263 -19.03 2.08 14.80
N LEU A 264 -19.50 0.84 14.97
CA LEU A 264 -20.92 0.58 15.15
C LEU A 264 -21.39 0.58 16.60
N GLY A 265 -20.58 1.08 17.52
CA GLY A 265 -20.73 0.65 18.90
C GLY A 265 -20.79 -0.87 18.83
N GLY A 266 -21.80 -1.45 19.46
CA GLY A 266 -22.09 -2.87 19.33
C GLY A 266 -23.43 -3.10 18.67
N GLN A 267 -23.78 -2.29 17.67
CA GLN A 267 -25.00 -2.46 16.88
C GLN A 267 -24.67 -2.92 15.47
N ASP A 268 -24.45 -4.22 15.34
CA ASP A 268 -24.01 -4.82 14.07
C ASP A 268 -24.93 -4.55 12.88
N ILE A 269 -24.34 -4.64 11.69
CA ILE A 269 -25.08 -4.62 10.43
C ILE A 269 -25.47 -6.05 10.11
N ILE A 270 -26.68 -6.27 9.60
CA ILE A 270 -27.10 -7.63 9.28
C ILE A 270 -27.98 -7.73 8.03
N LEU A 271 -27.38 -7.66 6.85
CA LEU A 271 -28.16 -7.84 5.65
C LEU A 271 -28.66 -9.27 5.54
N TYR A 272 -29.97 -9.43 5.39
CA TYR A 272 -30.57 -10.70 5.03
C TYR A 272 -30.62 -10.87 3.52
N TRP A 273 -30.70 -12.12 3.10
CA TRP A 273 -30.73 -12.47 1.70
C TRP A 273 -32.19 -12.57 1.26
N ILE B 1 13.81 -10.04 -9.77
CA ILE B 1 13.09 -10.70 -10.90
C ILE B 1 11.84 -9.91 -11.27
N GLN B 2 11.12 -10.37 -12.27
CA GLN B 2 9.89 -9.69 -12.68
C GLN B 2 8.70 -10.36 -12.01
N LYS B 3 8.07 -9.65 -11.06
CA LYS B 3 6.84 -10.11 -10.43
C LYS B 3 5.65 -9.48 -11.13
N THR B 4 4.66 -10.29 -11.52
CA THR B 4 3.54 -9.78 -12.29
C THR B 4 2.40 -9.28 -11.41
N PRO B 5 1.71 -8.24 -11.84
CA PRO B 5 0.60 -7.68 -11.08
C PRO B 5 -0.62 -8.59 -10.94
N GLN B 6 -1.26 -8.47 -9.78
CA GLN B 6 -2.60 -8.98 -9.54
C GLN B 6 -3.47 -7.74 -9.53
N ILE B 7 -4.69 -7.85 -10.04
CA ILE B 7 -5.55 -6.69 -10.27
C ILE B 7 -6.94 -6.89 -9.69
N GLN B 8 -7.43 -5.93 -8.92
CA GLN B 8 -8.78 -6.04 -8.37
C GLN B 8 -9.61 -4.79 -8.66
N VAL B 9 -10.88 -4.98 -9.02
CA VAL B 9 -11.75 -3.89 -9.46
C VAL B 9 -13.08 -3.92 -8.71
N TYR B 10 -13.30 -2.91 -7.87
CA TYR B 10 -14.40 -2.93 -6.91
C TYR B 10 -14.95 -1.52 -6.75
N SER B 11 -16.27 -1.41 -6.58
CA SER B 11 -16.89 -0.12 -6.36
C SER B 11 -16.77 0.33 -4.91
N ARG B 12 -16.86 1.64 -4.75
CA ARG B 12 -16.68 2.32 -3.46
C ARG B 12 -17.93 2.14 -2.62
N HIS B 13 -19.06 2.18 -3.32
CA HIS B 13 -20.36 2.08 -2.72
C HIS B 13 -21.08 0.92 -3.38
N PRO B 14 -22.16 0.44 -2.76
CA PRO B 14 -23.02 -0.50 -3.45
C PRO B 14 -23.42 0.13 -4.78
N PRO B 15 -23.17 -0.58 -5.87
CA PRO B 15 -23.48 -0.05 -7.19
C PRO B 15 -24.99 -0.02 -7.35
N GLU B 16 -25.49 1.04 -7.97
CA GLU B 16 -26.91 1.13 -8.28
C GLU B 16 -27.02 1.92 -9.56
N ASN B 17 -27.92 1.44 -10.41
CA ASN B 17 -28.05 1.97 -11.75
C ASN B 17 -28.49 3.41 -11.74
N GLY B 18 -27.82 4.20 -12.58
CA GLY B 18 -28.07 5.63 -12.64
C GLY B 18 -27.43 6.41 -11.50
N LYS B 19 -26.72 5.73 -10.58
CA LYS B 19 -26.24 6.42 -9.39
C LYS B 19 -24.72 6.55 -9.33
N PRO B 20 -24.25 7.79 -9.37
CA PRO B 20 -22.82 8.08 -9.30
C PRO B 20 -22.12 7.32 -8.19
N ASN B 21 -20.95 6.77 -8.53
CA ASN B 21 -20.18 5.91 -7.66
C ASN B 21 -18.71 6.15 -7.95
N ILE B 22 -17.83 5.43 -7.28
CA ILE B 22 -16.40 5.46 -7.60
C ILE B 22 -15.88 4.04 -7.83
N LEU B 23 -15.06 3.88 -8.86
CA LEU B 23 -14.54 2.58 -9.25
C LEU B 23 -13.04 2.55 -8.98
N ASN B 24 -12.63 1.54 -8.22
CA ASN B 24 -11.24 1.39 -7.77
C ASN B 24 -10.59 0.26 -8.57
N CYS B 25 -9.34 0.46 -8.97
CA CYS B 25 -8.55 -0.61 -9.56
C CYS B 25 -7.26 -0.78 -8.77
N TYR B 26 -7.26 -1.70 -7.82
CA TYR B 26 -6.11 -1.95 -6.95
C TYR B 26 -5.19 -2.92 -7.69
N VAL B 27 -4.00 -2.44 -8.04
CA VAL B 27 -2.98 -3.26 -8.70
C VAL B 27 -1.89 -3.52 -7.69
N THR B 28 -1.38 -4.75 -7.66
CA THR B 28 -0.66 -5.24 -6.49
C THR B 28 0.37 -6.29 -6.89
N GLN B 29 1.38 -6.51 -6.04
CA GLN B 29 2.28 -7.65 -6.17
C GLN B 29 3.24 -7.64 -7.39
N PHE B 30 3.48 -6.45 -7.95
CA PHE B 30 4.29 -6.34 -9.17
C PHE B 30 5.66 -5.73 -8.91
N HIS B 31 6.54 -5.89 -9.90
CA HIS B 31 7.91 -5.39 -9.89
C HIS B 31 8.54 -5.69 -11.26
N PRO B 32 9.27 -4.75 -11.87
CA PRO B 32 9.65 -3.46 -11.30
C PRO B 32 8.51 -2.47 -11.17
N PRO B 33 8.78 -1.30 -10.60
CA PRO B 33 7.75 -0.31 -10.39
C PRO B 33 7.69 0.64 -11.57
N HIS B 34 7.22 0.18 -12.71
CA HIS B 34 6.96 1.03 -13.88
C HIS B 34 5.77 0.38 -14.53
N ILE B 35 4.70 1.14 -14.68
CA ILE B 35 3.43 0.56 -15.09
C ILE B 35 2.56 1.65 -15.72
N GLU B 36 1.85 1.29 -16.78
CA GLU B 36 0.72 2.08 -17.23
C GLU B 36 -0.53 1.30 -16.84
N ILE B 37 -1.50 2.03 -16.28
CA ILE B 37 -2.79 1.47 -15.90
C ILE B 37 -3.86 2.26 -16.65
N GLN B 38 -4.77 1.55 -17.31
CA GLN B 38 -5.90 2.21 -17.94
C GLN B 38 -7.18 1.67 -17.30
N MET B 39 -8.17 2.55 -17.19
CA MET B 39 -9.52 2.14 -16.84
C MET B 39 -10.44 2.41 -18.05
N LEU B 40 -11.25 1.41 -18.36
CA LEU B 40 -12.00 1.41 -19.60
C LEU B 40 -13.50 1.38 -19.32
N LYS B 41 -14.24 2.21 -20.05
CA LYS B 41 -15.68 2.10 -20.16
C LYS B 41 -15.98 1.62 -21.58
N ASN B 42 -16.55 0.41 -21.68
CA ASN B 42 -16.92 -0.16 -22.98
C ASN B 42 -15.79 -0.16 -23.98
N GLY B 43 -14.64 -0.68 -23.54
CA GLY B 43 -13.46 -0.76 -24.39
C GLY B 43 -12.70 0.55 -24.56
N LYS B 44 -13.38 1.70 -24.43
CA LYS B 44 -12.71 2.99 -24.59
C LYS B 44 -12.07 3.44 -23.30
N LYS B 45 -10.97 4.15 -23.44
CA LYS B 45 -10.14 4.56 -22.31
C LYS B 45 -10.76 5.74 -21.56
N ILE B 46 -10.65 5.75 -20.24
CA ILE B 46 -11.17 6.84 -19.42
C ILE B 46 -10.04 7.80 -19.13
N PRO B 47 -10.19 9.04 -19.54
CA PRO B 47 -9.09 9.99 -19.47
C PRO B 47 -8.85 10.56 -18.08
N LYS B 48 -9.87 10.52 -17.22
CA LYS B 48 -9.88 11.32 -16.02
C LYS B 48 -9.40 10.61 -14.74
N VAL B 49 -8.48 9.65 -14.85
CA VAL B 49 -8.21 8.68 -13.77
C VAL B 49 -7.13 9.11 -12.77
N GLU B 50 -7.52 9.17 -11.50
CA GLU B 50 -6.63 9.62 -10.43
C GLU B 50 -5.95 8.43 -9.77
N MET B 51 -4.73 8.63 -9.29
CA MET B 51 -3.89 7.52 -8.84
C MET B 51 -3.12 7.81 -7.56
N SER B 52 -2.92 6.77 -6.79
CA SER B 52 -2.20 6.91 -5.53
C SER B 52 -0.73 6.92 -5.88
N ASP B 53 0.08 7.41 -4.94
CA ASP B 53 1.52 7.40 -5.14
C ASP B 53 1.91 5.94 -5.00
N MET B 54 2.87 5.48 -5.79
CA MET B 54 3.26 4.10 -5.69
C MET B 54 3.95 3.90 -4.36
N SER B 55 3.73 2.73 -3.77
CA SER B 55 4.29 2.32 -2.49
C SER B 55 4.59 0.83 -2.59
N PHE B 56 5.10 0.23 -1.51
CA PHE B 56 5.35 -1.20 -1.52
C PHE B 56 5.12 -1.85 -0.15
N SER B 57 4.89 -3.16 -0.16
CA SER B 57 4.53 -3.87 1.05
C SER B 57 5.78 -4.34 1.77
N LYS B 58 5.58 -4.93 2.95
CA LYS B 58 6.65 -5.55 3.71
C LYS B 58 7.46 -6.46 2.81
N ASP B 59 6.76 -7.12 1.87
CA ASP B 59 7.41 -8.05 0.96
C ASP B 59 8.03 -7.41 -0.28
N TRP B 60 8.29 -6.10 -0.24
CA TRP B 60 9.02 -5.38 -1.29
C TRP B 60 8.29 -5.17 -2.60
N SER B 61 7.20 -5.89 -2.85
CA SER B 61 6.45 -5.73 -4.09
C SER B 61 5.59 -4.46 -4.03
N PHE B 62 5.42 -3.84 -5.20
CA PHE B 62 4.72 -2.56 -5.29
C PHE B 62 3.23 -2.74 -5.46
N TYR B 63 2.48 -1.72 -5.05
CA TYR B 63 1.04 -1.70 -5.23
C TYR B 63 0.60 -0.26 -5.43
N ILE B 64 -0.41 -0.08 -6.28
CA ILE B 64 -0.92 1.25 -6.59
C ILE B 64 -2.43 1.21 -6.80
N LEU B 65 -3.13 2.24 -6.32
CA LEU B 65 -4.57 2.35 -6.46
C LEU B 65 -4.94 3.42 -7.45
N ALA B 66 -5.62 3.01 -8.53
CA ALA B 66 -6.28 3.94 -9.43
C ALA B 66 -7.77 3.90 -9.15
N HIS B 67 -8.42 5.03 -9.38
CA HIS B 67 -9.86 5.10 -9.22
C HIS B 67 -10.39 6.18 -10.16
N THR B 68 -11.65 6.03 -10.57
CA THR B 68 -12.34 7.06 -11.36
C THR B 68 -13.78 7.18 -10.87
N GLU B 69 -14.47 8.22 -11.33
CA GLU B 69 -15.90 8.37 -11.07
C GLU B 69 -16.69 7.69 -12.18
N PHE B 70 -17.74 6.96 -11.80
CA PHE B 70 -18.57 6.25 -12.78
C PHE B 70 -20.01 6.06 -12.32
N THR B 71 -20.93 6.07 -13.28
CA THR B 71 -22.34 5.73 -13.00
C THR B 71 -22.65 4.37 -13.63
N PRO B 72 -22.73 3.33 -12.82
CA PRO B 72 -22.96 2.00 -13.36
C PRO B 72 -24.33 1.95 -14.01
N THR B 73 -24.44 1.18 -15.08
CA THR B 73 -25.71 1.00 -15.75
C THR B 73 -25.90 -0.48 -16.02
N GLU B 74 -27.05 -0.83 -16.57
CA GLU B 74 -27.32 -2.19 -17.00
C GLU B 74 -26.29 -2.62 -18.01
N THR B 75 -25.94 -1.73 -18.95
CA THR B 75 -25.25 -2.12 -20.18
C THR B 75 -23.77 -1.76 -20.27
N ASP B 76 -23.38 -0.63 -19.69
CA ASP B 76 -21.97 -0.20 -19.70
C ASP B 76 -21.14 -1.19 -18.89
N THR B 77 -20.19 -1.84 -19.55
CA THR B 77 -19.22 -2.66 -18.84
C THR B 77 -17.89 -1.92 -18.69
N TYR B 78 -17.25 -2.17 -17.55
CA TYR B 78 -16.03 -1.46 -17.14
C TYR B 78 -14.86 -2.41 -16.90
N ALA B 79 -13.65 -1.96 -17.19
CA ALA B 79 -12.47 -2.77 -16.88
C ALA B 79 -11.20 -1.98 -16.56
N CYS B 80 -10.13 -2.72 -16.29
CA CYS B 80 -8.84 -2.15 -15.96
C CYS B 80 -7.71 -2.89 -16.67
N ARG B 81 -7.04 -2.19 -17.58
CA ARG B 81 -5.99 -2.78 -18.41
C ARG B 81 -4.66 -2.33 -17.83
N VAL B 82 -3.72 -3.25 -17.71
CA VAL B 82 -2.43 -2.94 -17.12
C VAL B 82 -1.30 -3.30 -18.08
N LYS B 83 -0.39 -2.35 -18.29
CA LYS B 83 0.83 -2.55 -19.08
C LYS B 83 1.97 -2.77 -18.12
N HIS B 84 2.81 -3.77 -18.36
CA HIS B 84 3.91 -4.09 -17.45
C HIS B 84 4.92 -5.09 -18.01
N ASP B 85 6.20 -4.76 -17.88
CA ASP B 85 7.29 -5.57 -18.43
C ASP B 85 7.20 -7.07 -18.16
N SER B 86 6.59 -7.45 -17.05
CA SER B 86 6.49 -8.87 -16.67
C SER B 86 5.48 -9.67 -17.48
N MET B 87 4.93 -9.06 -18.53
CA MET B 87 3.78 -9.60 -19.22
C MET B 87 3.77 -9.21 -20.69
N ALA B 88 3.69 -10.20 -21.58
CA ALA B 88 3.66 -9.97 -23.02
C ALA B 88 2.46 -9.12 -23.39
N GLU B 89 1.26 -9.62 -23.10
CA GLU B 89 0.03 -8.90 -23.38
C GLU B 89 -0.42 -8.14 -22.13
N PRO B 90 -1.04 -6.97 -22.34
CA PRO B 90 -1.78 -6.31 -21.27
C PRO B 90 -2.78 -7.24 -20.61
N LYS B 91 -2.93 -7.11 -19.30
CA LYS B 91 -3.98 -7.78 -18.55
C LYS B 91 -5.17 -6.84 -18.48
N THR B 92 -6.36 -7.43 -18.46
CA THR B 92 -7.61 -6.70 -18.39
C THR B 92 -8.49 -7.44 -17.41
N VAL B 93 -9.01 -6.76 -16.41
CA VAL B 93 -9.86 -7.42 -15.45
C VAL B 93 -11.16 -6.63 -15.47
N TYR B 94 -12.25 -7.32 -15.77
CA TYR B 94 -13.51 -6.65 -16.00
C TYR B 94 -14.20 -6.46 -14.67
N TRP B 95 -14.71 -5.25 -14.44
CA TRP B 95 -15.54 -5.00 -13.28
C TRP B 95 -16.70 -5.99 -13.32
N ASP B 96 -17.07 -6.54 -12.16
CA ASP B 96 -18.24 -7.39 -12.10
C ASP B 96 -18.98 -7.14 -10.81
N ARG B 97 -20.04 -6.34 -10.88
CA ARG B 97 -20.76 -5.86 -9.70
C ARG B 97 -21.17 -6.99 -8.75
N ASP B 98 -21.60 -8.10 -9.35
CA ASP B 98 -22.07 -9.28 -8.62
C ASP B 98 -20.94 -10.02 -7.91
N MET B 99 -19.70 -9.77 -8.34
CA MET B 99 -18.50 -10.45 -7.81
C MET B 99 -17.82 -9.72 -6.65
C1 NAG C . 17.40 5.79 -20.86
C2 NAG C . 17.24 6.12 -22.35
C3 NAG C . 16.16 7.19 -22.54
C4 NAG C . 14.87 6.65 -21.92
C5 NAG C . 15.19 6.43 -20.44
C6 NAG C . 14.02 6.17 -19.50
C7 NAG C . 19.56 5.70 -22.92
C8 NAG C . 20.92 6.24 -22.63
N2 NAG C . 18.52 6.53 -22.92
O3 NAG C . 15.98 7.47 -23.90
O4 NAG C . 13.82 7.56 -22.19
O5 NAG C . 16.15 5.40 -20.33
O6 NAG C . 13.40 4.92 -19.78
O7 NAG C . 19.41 4.50 -23.14
C1 FUC C . 12.06 4.86 -19.24
C2 FUC C . 11.28 3.77 -19.99
C3 FUC C . 11.51 2.38 -19.40
C4 FUC C . 11.32 2.42 -17.89
C5 FUC C . 12.35 3.40 -17.36
C6 FUC C . 12.39 3.36 -15.84
O2 FUC C . 11.60 3.80 -21.37
O3 FUC C . 10.72 1.39 -20.02
O4 FUC C . 10.03 2.86 -17.48
O5 FUC C . 12.01 4.69 -17.83
C1 NAG D . 21.77 3.43 18.55
C2 NAG D . 23.08 3.67 19.28
C3 NAG D . 24.02 2.50 19.07
C4 NAG D . 23.36 1.21 19.52
C5 NAG D . 22.02 1.08 18.81
C6 NAG D . 21.28 -0.18 19.23
C7 NAG D . 23.51 6.10 19.34
C8 NAG D . 24.31 7.21 18.74
N2 NAG D . 23.82 4.87 18.92
O3 NAG D . 25.18 2.72 19.83
O4 NAG D . 24.16 0.13 19.16
O5 NAG D . 21.23 2.22 19.04
O6 NAG D . 19.96 -0.16 18.73
O7 NAG D . 22.62 6.36 20.15
C1 NAG D . 24.64 -0.60 20.30
C2 NAG D . 25.07 -1.93 19.74
C3 NAG D . 25.97 -2.68 20.70
C4 NAG D . 27.22 -1.87 20.98
C5 NAG D . 26.83 -0.49 21.51
C6 NAG D . 27.98 0.50 21.33
C7 NAG D . 23.72 -3.49 18.47
C8 NAG D . 22.32 -3.71 17.95
N2 NAG D . 23.84 -2.67 19.51
O3 NAG D . 26.32 -3.94 20.16
O4 NAG D . 27.99 -2.50 22.00
O5 NAG D . 25.66 0.12 20.97
O6 NAG D . 28.07 0.89 19.97
O7 NAG D . 24.66 -4.06 17.93
C1 MAN D . 29.15 -3.26 21.62
C2 MAN D . 30.16 -3.10 22.76
C3 MAN D . 31.35 -4.03 22.61
C4 MAN D . 30.85 -5.45 22.42
C5 MAN D . 29.95 -5.51 21.19
C6 MAN D . 29.51 -6.95 20.99
O2 MAN D . 29.56 -3.40 24.00
O3 MAN D . 32.16 -4.03 23.76
O4 MAN D . 31.95 -6.33 22.31
O5 MAN D . 28.86 -4.62 21.39
O6 MAN D . 28.34 -7.08 20.20
C1 MAN D . 33.45 -3.47 23.49
C2 MAN D . 34.35 -3.68 24.70
C3 MAN D . 33.79 -2.88 25.87
C4 MAN D . 33.65 -1.42 25.49
C5 MAN D . 32.86 -1.26 24.20
C6 MAN D . 32.84 0.19 23.73
O2 MAN D . 35.65 -3.25 24.40
O3 MAN D . 34.64 -2.99 27.00
O4 MAN D . 32.96 -0.76 26.53
O5 MAN D . 33.41 -2.08 23.18
O6 MAN D . 31.53 0.71 23.85
C1 MAN D . 28.01 -8.47 19.98
C2 MAN D . 27.29 -8.59 18.65
C3 MAN D . 25.91 -7.95 18.70
C4 MAN D . 25.17 -8.16 20.02
C5 MAN D . 26.03 -8.31 21.27
C6 MAN D . 25.24 -8.94 22.42
O2 MAN D . 27.22 -9.95 18.23
O3 MAN D . 25.09 -8.46 17.68
O4 MAN D . 24.37 -7.01 20.21
O5 MAN D . 27.20 -9.05 21.00
O6 MAN D . 26.04 -9.75 23.26
C1 FUC D . 19.65 -1.08 17.66
C2 FUC D . 18.13 -1.30 17.57
C3 FUC D . 17.48 0.01 17.12
C4 FUC D . 18.11 0.41 15.78
C5 FUC D . 19.61 0.59 15.98
C6 FUC D . 20.26 1.09 14.70
O2 FUC D . 17.54 -1.72 18.78
O3 FUC D . 16.08 -0.11 17.07
O4 FUC D . 17.94 -0.60 14.80
O5 FUC D . 20.12 -0.66 16.39
C1 NAG E . 15.17 13.49 -10.73
C2 NAG E . 15.12 13.52 -12.26
C3 NAG E . 16.52 13.80 -12.84
C4 NAG E . 16.94 15.19 -12.37
C5 NAG E . 16.93 15.15 -10.83
C6 NAG E . 17.27 16.52 -10.25
C7 NAG E . 13.92 12.18 -13.87
C8 NAG E . 13.84 10.85 -14.55
N2 NAG E . 14.63 12.25 -12.75
O3 NAG E . 16.55 13.72 -14.24
O4 NAG E . 18.17 15.57 -12.96
O5 NAG E . 15.69 14.72 -10.29
O6 NAG E . 16.16 16.99 -9.51
O7 NAG E . 13.35 13.17 -14.32
OP2 PC6 F . 30.36 13.65 2.14
P PC6 F . 30.07 12.17 2.19
OP3 PC6 F . 30.52 11.40 3.41
OP4 PC6 F . 30.85 11.55 0.90
CE1 PC6 F . 32.27 11.60 0.81
CE2 PC6 F . 32.87 10.33 1.42
NM3 PC6 F . 34.01 10.51 2.33
CM3 PC6 F . 34.51 9.18 2.71
CM2 PC6 F . 33.62 11.21 3.57
CM1 PC6 F . 35.10 11.25 1.66
OP1 PC6 F . 28.49 11.93 1.91
C39 PC6 F . 27.61 11.31 2.88
C38 PC6 F . 26.12 11.42 2.57
C40 PC6 F . 25.75 10.62 1.33
O40 PC6 F . 25.85 9.21 1.54
C26 PC6 F . 24.84 8.28 1.04
O26 PC6 F . 24.62 8.23 -0.16
C27 PC6 F . 24.06 7.41 2.00
C28 PC6 F . 23.57 6.17 1.26
C29 PC6 F . 22.81 5.21 2.17
C30 PC6 F . 22.30 3.99 1.41
C31 PC6 F . 23.35 2.88 1.41
C32 PC6 F . 23.23 1.91 0.24
C33 PC6 F . 22.51 0.61 0.61
C34 PC6 F . 23.01 -0.60 -0.17
C35 PC6 F . 23.07 -0.36 -1.67
C36 PC6 F . 22.59 -1.58 -2.46
C37 PC6 F . 22.66 -1.31 -3.94
O38 PC6 F . 25.36 10.90 3.68
C1 PC6 F . 24.03 11.44 3.95
O1 PC6 F . 23.48 12.19 3.15
C2 PC6 F . 23.35 11.08 5.25
C3 PC6 F . 21.87 10.82 5.01
C4 PC6 F . 21.23 9.82 5.96
C5 PC6 F . 20.51 8.70 5.21
C6 PC6 F . 19.30 8.14 5.96
C7 PC6 F . 18.34 7.42 5.02
C8 PC6 F . 16.92 7.34 5.58
C9 PC6 F . 15.93 6.88 4.52
C10 PC6 F . 14.60 7.65 4.50
C11 PC6 F . 13.98 7.80 3.10
C12 PC6 F . 14.09 9.21 2.52
C13 PC6 F . 12.75 9.94 2.44
C14 PC6 F . 12.54 10.97 3.55
C15 PC6 F . 11.10 11.05 4.06
C16 PC6 F . 10.82 12.40 4.72
C17 PC6 F . 10.12 12.32 6.06
C18 PC6 F . 10.99 11.68 7.15
C19 PC6 F . 11.10 12.53 8.41
C20 PC6 F . 11.27 11.70 9.68
C21 PC6 F . 12.62 11.00 9.78
C22 PC6 F . 12.51 9.66 10.51
C23 PC6 F . 13.82 8.87 10.47
C24 PC6 F . 13.78 7.72 9.48
C25 PC6 F . 15.19 7.41 9.03
C1 GOL G . -3.04 5.00 -0.46
O1 GOL G . -4.31 5.59 -0.68
C2 GOL G . -2.73 4.10 -1.65
O2 GOL G . -1.34 4.04 -1.82
C3 GOL G . -3.31 2.72 -1.43
O3 GOL G . -2.49 2.01 -0.54
#